data_3I6R
#
_entry.id   3I6R
#
_cell.length_a   85.442
_cell.length_b   85.442
_cell.length_c   138.554
_cell.angle_alpha   90.00
_cell.angle_beta   90.00
_cell.angle_gamma   120.00
#
_symmetry.space_group_name_H-M   'P 64'
#
loop_
_entity.id
_entity.type
_entity.pdbx_description
1 polymer 'Dihydroorotate dehydrogenase homolog, mitochondrial'
2 non-polymer 5-methyl-N-[4-(trifluoromethyl)phenyl][1,2,4]triazolo[1,5-a]pyrimidin-7-amine
3 non-polymer 'FLAVIN MONONUCLEOTIDE'
4 non-polymer 'OROTIC ACID'
5 water water
#
_entity_poly.entity_id   1
_entity_poly.type   'polypeptide(L)'
_entity_poly.pdbx_seq_one_letter_code
;MGSSHHHHHHSSGLVPRGSHMASMTGGQQGRDPFESYNPEFFLYDIFLKFCLKYIDGEICHDLFLLLGKYNILPYDTSND
SIYACTNIKHLDFINPFGVAAGFDKNGVCIDSILKLGFSFIEIGTITPRGQTGNAKPRIFRDVESRSIINSCGFNNMGCD
KVTENLILFRKRQEEDKLLSKHIVGVSIGKNKDTVNIVDDLKYCINKIGRYADYIAINVSSPNTPGLRDNQEAGKLKNII
LSVKEEIDNLEKNNIMNDEFLWFNTTKKKPLVFVKLAPDLNQEQKKEIADVLLETNIDGMIISNTTTQINDIKSFENKKG
GVSGAKLKDISTKFICEMYNYTNKQIPIIASGGIFSGLDALEKIEAGASVCQLYSCLVFNGMKSAVQIKRELNHLLYQRG
YYNLKEAIGRKHSKS
;
_entity_poly.pdbx_strand_id   A
#
# COMPACT_ATOMS: atom_id res chain seq x y z
N TYR A 37 -5.69 -10.43 23.48
CA TYR A 37 -6.01 -11.21 22.29
C TYR A 37 -7.40 -11.76 22.38
N ASN A 38 -7.73 -12.61 21.42
CA ASN A 38 -9.03 -13.22 21.36
C ASN A 38 -9.05 -14.63 20.79
N PRO A 39 -10.04 -15.40 21.15
CA PRO A 39 -10.29 -16.68 20.54
C PRO A 39 -10.59 -16.46 19.08
N GLU A 40 -11.35 -15.42 18.80
CA GLU A 40 -11.69 -15.13 17.43
C GLU A 40 -10.46 -15.17 16.58
N PHE A 41 -9.44 -14.43 16.95
CA PHE A 41 -8.18 -14.43 16.23
C PHE A 41 -7.52 -15.81 16.18
N PHE A 42 -7.66 -16.56 17.27
CA PHE A 42 -7.08 -17.89 17.39
C PHE A 42 -7.72 -18.86 16.41
N LEU A 43 -9.05 -18.95 16.46
CA LEU A 43 -9.82 -19.81 15.55
C LEU A 43 -9.51 -19.53 14.08
N TYR A 44 -9.43 -18.26 13.71
CA TYR A 44 -9.16 -17.87 12.32
C TYR A 44 -7.74 -18.16 11.86
N ASP A 45 -6.77 -18.06 12.76
CA ASP A 45 -5.38 -18.34 12.39
C ASP A 45 -5.10 -19.83 12.17
N ILE A 46 -5.76 -20.68 12.95
CA ILE A 46 -5.78 -22.13 12.67
C ILE A 46 -6.38 -22.37 11.27
N PHE A 47 -7.59 -21.83 11.06
CA PHE A 47 -8.29 -21.87 9.78
C PHE A 47 -7.41 -21.42 8.60
N LEU A 48 -6.72 -20.31 8.78
CA LEU A 48 -5.87 -19.73 7.75
C LEU A 48 -4.63 -20.57 7.48
N LYS A 49 -4.00 -21.08 8.54
CA LYS A 49 -2.82 -21.95 8.42
C LYS A 49 -3.18 -23.24 7.71
N PHE A 50 -4.41 -23.72 7.93
CA PHE A 50 -4.96 -24.86 7.19
C PHE A 50 -5.07 -24.52 5.70
N CYS A 51 -5.73 -23.42 5.38
CA CYS A 51 -5.87 -22.96 3.99
C CYS A 51 -4.50 -22.81 3.33
N LEU A 52 -3.55 -22.28 4.09
CA LEU A 52 -2.19 -22.11 3.64
C LEU A 52 -1.56 -23.43 3.19
N LYS A 53 -1.88 -24.50 3.91
CA LYS A 53 -1.33 -25.82 3.65
C LYS A 53 -1.92 -26.46 2.38
N TYR A 54 -3.24 -26.34 2.22
CA TYR A 54 -3.97 -27.12 1.22
C TYR A 54 -4.39 -26.37 -0.03
N ILE A 55 -4.98 -25.19 0.17
CA ILE A 55 -5.68 -24.45 -0.88
C ILE A 55 -4.76 -23.53 -1.68
N ASP A 56 -5.10 -23.34 -2.95
CA ASP A 56 -4.49 -22.33 -3.81
C ASP A 56 -4.55 -20.94 -3.16
N GLY A 57 -3.46 -20.18 -3.31
CA GLY A 57 -3.32 -18.85 -2.70
C GLY A 57 -4.38 -17.85 -3.07
N GLU A 58 -4.64 -17.69 -4.37
CA GLU A 58 -5.66 -16.75 -4.81
C GLU A 58 -7.07 -17.15 -4.35
N ILE A 59 -7.33 -18.45 -4.28
CA ILE A 59 -8.60 -18.94 -3.71
C ILE A 59 -8.72 -18.58 -2.23
N CYS A 60 -7.63 -18.71 -1.47
CA CYS A 60 -7.63 -18.35 -0.04
C CYS A 60 -7.96 -16.88 0.14
N HIS A 61 -7.20 -16.05 -0.58
CA HIS A 61 -7.36 -14.60 -0.53
C HIS A 61 -8.81 -14.21 -0.71
N ASP A 62 -9.45 -14.74 -1.75
CA ASP A 62 -10.83 -14.41 -2.09
C ASP A 62 -11.82 -14.86 -1.03
N LEU A 63 -11.55 -16.01 -0.43
CA LEU A 63 -12.38 -16.54 0.66
C LEU A 63 -12.34 -15.59 1.87
N PHE A 64 -11.15 -15.14 2.22
CA PHE A 64 -11.00 -14.19 3.32
C PHE A 64 -11.53 -12.80 2.99
N LEU A 65 -11.36 -12.35 1.74
CA LEU A 65 -12.02 -11.13 1.27
C LEU A 65 -13.53 -11.27 1.42
N LEU A 66 -14.04 -12.47 1.14
CA LEU A 66 -15.46 -12.77 1.20
C LEU A 66 -16.00 -12.83 2.62
N LEU A 67 -15.23 -13.36 3.53
CA LEU A 67 -15.60 -13.36 4.92
C LEU A 67 -15.67 -11.95 5.45
N GLY A 68 -14.74 -11.13 5.01
CA GLY A 68 -14.68 -9.75 5.36
C GLY A 68 -15.86 -8.97 4.90
N LYS A 69 -16.28 -9.27 3.69
CA LYS A 69 -17.36 -8.59 3.02
C LYS A 69 -18.58 -8.83 3.83
N TYR A 70 -18.69 -10.02 4.33
CA TYR A 70 -19.82 -10.46 5.09
C TYR A 70 -19.70 -10.09 6.54
N ASN A 71 -18.58 -9.49 6.86
CA ASN A 71 -18.29 -8.97 8.18
C ASN A 71 -18.27 -9.97 9.30
N ILE A 72 -17.84 -11.18 8.99
CA ILE A 72 -17.57 -12.16 10.00
C ILE A 72 -16.18 -12.21 10.56
N LEU A 73 -15.27 -11.41 10.05
CA LEU A 73 -13.93 -11.23 10.60
C LEU A 73 -13.84 -10.48 11.93
N PRO A 74 -12.84 -10.82 12.73
CA PRO A 74 -12.55 -10.21 14.03
C PRO A 74 -12.10 -8.76 14.04
N TYR A 75 -12.48 -8.00 15.06
CA TYR A 75 -12.10 -6.61 15.23
C TYR A 75 -11.06 -6.36 16.31
N ASP A 76 -10.12 -5.47 16.03
CA ASP A 76 -9.21 -4.89 17.01
C ASP A 76 -9.81 -3.59 17.51
N THR A 77 -10.42 -3.63 18.70
CA THR A 77 -11.06 -2.42 19.24
C THR A 77 -10.18 -1.65 20.21
N SER A 78 -8.89 -2.03 20.28
CA SER A 78 -7.97 -1.39 21.21
C SER A 78 -7.60 0.03 20.79
N ASN A 79 -7.43 0.90 21.78
CA ASN A 79 -6.89 2.24 21.57
C ASN A 79 -5.44 2.13 21.16
N ASP A 80 -5.08 2.81 20.07
CA ASP A 80 -3.70 2.84 19.63
C ASP A 80 -2.88 3.80 20.50
N SER A 81 -1.62 3.44 20.73
CA SER A 81 -0.70 4.23 21.53
C SER A 81 -0.52 5.61 20.90
N ILE A 82 -0.75 6.65 21.69
CA ILE A 82 -0.59 8.02 21.20
C ILE A 82 0.87 8.38 20.91
N TYR A 83 1.78 7.57 21.43
CA TYR A 83 3.21 7.75 21.19
C TYR A 83 3.67 7.07 19.92
N ALA A 84 2.72 6.48 19.18
CA ALA A 84 3.02 5.78 17.94
C ALA A 84 2.24 6.37 16.76
N CYS A 85 1.67 7.56 16.97
CA CYS A 85 1.11 8.37 15.90
C CYS A 85 2.14 8.65 14.84
N THR A 86 1.67 8.87 13.62
CA THR A 86 2.52 9.38 12.55
C THR A 86 1.69 10.15 11.53
N ASN A 87 2.38 10.83 10.63
CA ASN A 87 1.75 11.71 9.66
C ASN A 87 2.59 11.88 8.41
N ILE A 88 1.92 12.19 7.30
CA ILE A 88 2.60 12.62 6.08
C ILE A 88 1.93 13.92 5.67
N LYS A 89 2.70 15.01 5.73
CA LYS A 89 2.14 16.36 5.64
C LYS A 89 0.96 16.47 6.63
N HIS A 90 -0.14 17.05 6.19
CA HIS A 90 -1.32 17.17 7.04
C HIS A 90 -2.30 15.98 6.90
N LEU A 91 -1.73 14.79 6.64
CA LEU A 91 -2.45 13.52 6.61
C LEU A 91 -2.05 12.71 7.83
N ASP A 92 -3.03 12.37 8.67
CA ASP A 92 -2.77 11.85 10.02
C ASP A 92 -3.18 10.39 10.22
N PHE A 93 -2.22 9.59 10.68
CA PHE A 93 -2.39 8.16 10.87
C PHE A 93 -2.46 7.81 12.35
N ILE A 94 -3.57 7.20 12.77
CA ILE A 94 -3.75 6.82 14.17
C ILE A 94 -2.70 5.78 14.65
N ASN A 95 -2.12 5.05 13.70
CA ASN A 95 -1.01 4.13 13.96
C ASN A 95 -0.19 3.97 12.68
N PRO A 96 1.06 3.46 12.80
CA PRO A 96 1.96 3.40 11.63
C PRO A 96 1.74 2.22 10.67
N PHE A 97 0.64 1.49 10.80
CA PHE A 97 0.44 0.30 9.98
C PHE A 97 -0.78 0.32 9.09
N GLY A 98 -0.55 0.00 7.82
CA GLY A 98 -1.61 -0.16 6.82
C GLY A 98 -1.39 -1.34 5.89
N VAL A 99 -2.43 -1.65 5.12
CA VAL A 99 -2.34 -2.73 4.14
C VAL A 99 -1.97 -2.15 2.78
N ALA A 100 -0.94 -2.72 2.17
CA ALA A 100 -0.43 -2.28 0.88
C ALA A 100 -1.40 -2.57 -0.26
N ALA A 101 -1.14 -1.94 -1.40
CA ALA A 101 -1.93 -2.13 -2.61
C ALA A 101 -1.86 -3.59 -3.11
N GLY A 102 -2.91 -4.02 -3.81
CA GLY A 102 -2.97 -5.35 -4.37
C GLY A 102 -3.71 -6.36 -3.51
N PHE A 103 -4.06 -5.93 -2.31
CA PHE A 103 -4.71 -6.80 -1.35
C PHE A 103 -6.22 -6.73 -1.56
N ASP A 104 -6.76 -5.51 -1.54
CA ASP A 104 -8.16 -5.32 -1.87
C ASP A 104 -8.26 -4.46 -3.12
N LYS A 105 -7.84 -5.04 -4.24
CA LYS A 105 -7.82 -4.39 -5.55
C LYS A 105 -9.12 -3.69 -5.94
N ASN A 106 -10.25 -4.20 -5.44
CA ASN A 106 -11.56 -3.70 -5.86
C ASN A 106 -12.38 -3.02 -4.77
N GLY A 107 -11.77 -2.87 -3.59
CA GLY A 107 -12.43 -2.23 -2.45
C GLY A 107 -13.70 -2.93 -2.01
N VAL A 108 -13.67 -4.27 -2.01
CA VAL A 108 -14.86 -5.04 -1.66
C VAL A 108 -14.93 -5.25 -0.15
N CYS A 109 -13.83 -4.96 0.54
CA CYS A 109 -13.62 -5.47 1.87
C CYS A 109 -12.87 -4.49 2.77
N ILE A 110 -13.05 -3.22 2.53
CA ILE A 110 -12.36 -2.21 3.29
C ILE A 110 -12.69 -2.11 4.76
N ASP A 111 -13.95 -2.18 5.11
CA ASP A 111 -14.25 -2.00 6.51
C ASP A 111 -13.59 -3.04 7.36
N SER A 112 -13.66 -4.28 6.94
CA SER A 112 -13.16 -5.41 7.72
C SER A 112 -11.63 -5.41 7.83
N ILE A 113 -10.94 -5.17 6.72
CA ILE A 113 -9.48 -5.13 6.77
C ILE A 113 -8.98 -4.01 7.68
N LEU A 114 -9.60 -2.84 7.59
CA LEU A 114 -9.25 -1.73 8.48
C LEU A 114 -9.46 -2.10 9.95
N LYS A 115 -10.62 -2.69 10.25
CA LYS A 115 -10.96 -3.12 11.60
C LYS A 115 -10.10 -4.27 12.17
N LEU A 116 -9.23 -4.85 11.35
CA LEU A 116 -8.20 -5.74 11.90
C LEU A 116 -7.17 -4.96 12.71
N GLY A 117 -7.27 -3.63 12.67
CA GLY A 117 -6.43 -2.76 13.48
C GLY A 117 -5.43 -1.97 12.66
N PHE A 118 -5.71 -1.83 11.37
CA PHE A 118 -4.87 -1.02 10.49
C PHE A 118 -5.38 0.41 10.46
N SER A 119 -4.46 1.36 10.33
CA SER A 119 -4.83 2.78 10.25
C SER A 119 -5.22 3.17 8.84
N PHE A 120 -4.68 2.45 7.85
CA PHE A 120 -5.01 2.73 6.46
C PHE A 120 -4.90 1.55 5.52
N ILE A 121 -5.54 1.69 4.36
CA ILE A 121 -5.51 0.69 3.31
C ILE A 121 -5.29 1.40 1.98
N GLU A 122 -4.49 0.78 1.12
CA GLU A 122 -4.31 1.27 -0.23
C GLU A 122 -5.01 0.34 -1.23
N ILE A 123 -6.24 0.66 -1.62
CA ILE A 123 -6.96 -0.15 -2.60
C ILE A 123 -6.37 -0.02 -4.01
N GLY A 124 -6.79 -0.92 -4.91
CA GLY A 124 -6.15 -1.03 -6.22
C GLY A 124 -4.99 -2.01 -6.20
N THR A 125 -4.14 -2.00 -7.23
CA THR A 125 -4.16 -0.99 -8.29
C THR A 125 -5.39 -1.12 -9.19
N ILE A 126 -5.99 0.02 -9.50
CA ILE A 126 -7.13 0.06 -10.38
C ILE A 126 -6.77 0.60 -11.73
N THR A 127 -7.60 0.28 -12.70
CA THR A 127 -7.47 0.67 -14.07
C THR A 127 -8.82 1.20 -14.52
N PRO A 128 -8.80 2.00 -15.55
CA PRO A 128 -10.00 2.63 -16.05
C PRO A 128 -10.96 1.58 -16.50
N ARG A 129 -10.44 0.54 -17.13
CA ARG A 129 -11.21 -0.57 -17.65
C ARG A 129 -10.83 -1.83 -16.93
N GLY A 130 -11.82 -2.60 -16.53
CA GLY A 130 -11.58 -3.82 -15.81
C GLY A 130 -10.83 -4.82 -16.65
N GLN A 131 -9.94 -5.55 -16.01
CA GLN A 131 -9.14 -6.54 -16.67
C GLN A 131 -9.17 -7.84 -15.94
N THR A 132 -9.09 -8.93 -16.69
CA THR A 132 -8.96 -10.25 -16.14
C THR A 132 -7.64 -10.45 -15.43
N GLY A 133 -6.61 -9.81 -15.96
CA GLY A 133 -5.20 -10.03 -15.59
C GLY A 133 -4.64 -11.27 -16.26
N ASN A 134 -3.42 -11.64 -15.90
CA ASN A 134 -2.75 -12.83 -16.45
C ASN A 134 -3.42 -14.16 -16.09
N ALA A 135 -2.96 -15.23 -16.72
CA ALA A 135 -3.53 -16.58 -16.52
C ALA A 135 -3.28 -17.16 -15.13
N LYS A 136 -4.31 -17.80 -14.60
CA LYS A 136 -4.25 -18.47 -13.29
C LYS A 136 -3.66 -19.88 -13.44
N PRO A 137 -2.89 -20.35 -12.44
CA PRO A 137 -2.56 -19.69 -11.16
C PRO A 137 -1.42 -18.67 -11.30
N ARG A 138 -1.52 -17.58 -10.54
CA ARG A 138 -0.60 -16.45 -10.68
C ARG A 138 -0.11 -15.90 -9.33
N ILE A 139 -0.45 -16.60 -8.24
CA ILE A 139 0.15 -16.33 -6.93
C ILE A 139 0.72 -17.62 -6.36
N PHE A 140 2.01 -17.59 -6.00
CA PHE A 140 2.67 -18.75 -5.42
C PHE A 140 3.42 -18.36 -4.15
N ARG A 141 3.23 -19.15 -3.09
CA ARG A 141 3.89 -18.92 -1.80
C ARG A 141 5.06 -19.87 -1.57
N ASP A 142 5.99 -19.45 -0.71
CA ASP A 142 7.02 -20.34 -0.20
C ASP A 142 7.08 -20.12 1.31
N VAL A 143 6.48 -21.04 2.04
CA VAL A 143 6.35 -20.94 3.50
C VAL A 143 7.73 -20.86 4.19
N GLU A 144 8.67 -21.70 3.75
CA GLU A 144 9.99 -21.77 4.39
C GLU A 144 10.70 -20.42 4.45
N SER A 145 10.66 -19.67 3.35
CA SER A 145 11.29 -18.35 3.28
C SER A 145 10.29 -17.21 3.53
N ARG A 146 9.05 -17.56 3.88
CA ARG A 146 7.96 -16.59 4.07
C ARG A 146 7.97 -15.54 2.94
N SER A 147 7.77 -16.05 1.72
CA SER A 147 7.88 -15.21 0.52
C SER A 147 6.80 -15.55 -0.52
N ILE A 148 6.46 -14.55 -1.33
CA ILE A 148 5.44 -14.71 -2.36
C ILE A 148 5.99 -14.26 -3.70
N ILE A 149 5.58 -14.94 -4.77
CA ILE A 149 5.78 -14.43 -6.12
C ILE A 149 4.41 -14.32 -6.79
N ASN A 150 4.24 -13.30 -7.61
CA ASN A 150 2.98 -13.10 -8.31
C ASN A 150 3.16 -12.51 -9.70
N SER A 151 2.18 -12.78 -10.55
CA SER A 151 2.04 -12.13 -11.84
C SER A 151 0.55 -11.95 -12.11
N CYS A 152 -0.10 -11.17 -11.24
CA CYS A 152 -1.53 -10.92 -11.36
C CYS A 152 -1.83 -10.15 -12.64
N GLY A 153 -1.03 -9.10 -12.90
CA GLY A 153 -1.17 -8.27 -14.09
C GLY A 153 -2.38 -7.36 -14.03
N PHE A 154 -2.52 -6.65 -12.91
CA PHE A 154 -3.54 -5.63 -12.73
C PHE A 154 -4.97 -6.10 -12.99
N ASN A 155 -5.31 -7.30 -12.52
CA ASN A 155 -6.70 -7.70 -12.51
C ASN A 155 -7.47 -6.76 -11.58
N ASN A 156 -8.61 -6.27 -12.04
CA ASN A 156 -9.47 -5.40 -11.25
C ASN A 156 -10.76 -5.14 -11.98
N MET A 157 -11.80 -4.83 -11.22
CA MET A 157 -13.12 -4.60 -11.78
C MET A 157 -13.22 -3.30 -12.58
N GLY A 158 -12.19 -2.46 -12.50
CA GLY A 158 -12.18 -1.19 -13.24
C GLY A 158 -12.63 -0.01 -12.41
N CYS A 159 -12.28 1.19 -12.87
CA CYS A 159 -12.47 2.41 -12.12
C CYS A 159 -13.90 2.67 -11.62
N ASP A 160 -14.87 2.58 -12.54
CA ASP A 160 -16.26 2.90 -12.23
C ASP A 160 -16.85 2.03 -11.13
N LYS A 161 -16.68 0.72 -11.27
CA LYS A 161 -17.19 -0.24 -10.29
C LYS A 161 -16.52 -0.04 -8.93
N VAL A 162 -15.20 0.07 -8.93
CA VAL A 162 -14.43 0.31 -7.71
C VAL A 162 -14.82 1.64 -7.04
N THR A 163 -15.02 2.69 -7.84
CA THR A 163 -15.52 3.97 -7.34
C THR A 163 -16.87 3.81 -6.63
N GLU A 164 -17.76 3.02 -7.23
CA GLU A 164 -19.04 2.69 -6.59
C GLU A 164 -18.81 2.01 -5.24
N ASN A 165 -17.86 1.08 -5.18
CA ASN A 165 -17.51 0.39 -3.95
C ASN A 165 -16.99 1.33 -2.87
N LEU A 166 -16.09 2.23 -3.26
CA LEU A 166 -15.50 3.18 -2.32
C LEU A 166 -16.54 4.18 -1.81
N ILE A 167 -17.42 4.62 -2.70
CA ILE A 167 -18.55 5.48 -2.33
C ILE A 167 -19.35 4.82 -1.21
N LEU A 168 -19.70 3.55 -1.40
CA LEU A 168 -20.47 2.79 -0.41
C LEU A 168 -19.69 2.62 0.90
N PHE A 169 -18.39 2.37 0.82
CA PHE A 169 -17.56 2.38 2.02
C PHE A 169 -17.65 3.72 2.76
N ARG A 170 -17.49 4.83 2.03
CA ARG A 170 -17.50 6.15 2.64
C ARG A 170 -18.82 6.45 3.37
N LYS A 171 -19.94 6.01 2.79
CA LYS A 171 -21.25 6.12 3.45
C LYS A 171 -21.32 5.24 4.71
N ARG A 172 -20.82 4.01 4.61
CA ARG A 172 -20.69 3.12 5.76
C ARG A 172 -19.83 3.77 6.85
N GLN A 173 -18.77 4.46 6.43
CA GLN A 173 -17.82 5.07 7.35
C GLN A 173 -18.44 6.12 8.25
N GLU A 174 -19.40 6.87 7.71
CA GLU A 174 -20.04 7.98 8.44
C GLU A 174 -20.86 7.51 9.64
N GLU A 175 -21.16 6.22 9.70
CA GLU A 175 -21.98 5.67 10.76
C GLU A 175 -21.30 4.52 11.49
N ASP A 176 -20.04 4.27 11.15
CA ASP A 176 -19.24 3.21 11.76
C ASP A 176 -18.13 3.84 12.59
N LYS A 177 -18.30 3.80 13.90
CA LYS A 177 -17.40 4.42 14.87
C LYS A 177 -15.95 3.96 14.74
N LEU A 178 -15.77 2.70 14.36
CA LEU A 178 -14.45 2.10 14.25
C LEU A 178 -13.67 2.54 13.00
N LEU A 179 -14.37 3.20 12.07
CA LEU A 179 -13.78 3.61 10.82
C LEU A 179 -13.33 5.07 10.78
N SER A 180 -13.73 5.86 11.77
CA SER A 180 -13.40 7.28 11.79
C SER A 180 -11.89 7.49 11.88
N LYS A 181 -11.42 8.51 11.16
CA LYS A 181 -10.00 8.84 11.07
C LYS A 181 -9.16 7.77 10.35
N HIS A 182 -9.81 6.73 9.87
CA HIS A 182 -9.11 5.73 9.10
C HIS A 182 -8.92 6.23 7.71
N ILE A 183 -7.77 5.93 7.14
CA ILE A 183 -7.37 6.47 5.85
C ILE A 183 -7.49 5.44 4.71
N VAL A 184 -8.13 5.84 3.61
CA VAL A 184 -8.13 5.03 2.39
C VAL A 184 -7.40 5.77 1.25
N GLY A 185 -6.27 5.21 0.84
CA GLY A 185 -5.56 5.62 -0.37
C GLY A 185 -5.97 4.75 -1.55
N VAL A 186 -5.75 5.26 -2.77
CA VAL A 186 -6.11 4.54 -3.98
C VAL A 186 -4.89 4.45 -4.90
N SER A 187 -4.58 3.24 -5.36
CA SER A 187 -3.47 3.04 -6.27
C SER A 187 -4.01 2.98 -7.67
N ILE A 188 -3.43 3.77 -8.56
CA ILE A 188 -3.91 3.89 -9.93
C ILE A 188 -2.94 3.50 -11.01
N GLY A 189 -3.42 2.72 -11.95
CA GLY A 189 -2.61 2.19 -13.03
C GLY A 189 -3.10 2.21 -14.46
N LYS A 190 -2.17 2.19 -15.39
CA LYS A 190 -2.47 2.06 -16.81
C LYS A 190 -3.07 0.71 -17.21
N ASN A 191 -4.00 0.72 -18.13
CA ASN A 191 -4.53 -0.51 -18.67
C ASN A 191 -3.47 -1.24 -19.47
N LYS A 192 -3.51 -2.56 -19.48
CA LYS A 192 -2.50 -3.33 -20.16
C LYS A 192 -2.52 -3.03 -21.63
N ASP A 193 -3.71 -2.91 -22.17
CA ASP A 193 -3.87 -2.57 -23.56
C ASP A 193 -3.33 -1.23 -23.89
N THR A 194 -3.53 -0.27 -23.02
CA THR A 194 -3.30 1.10 -23.37
C THR A 194 -1.93 1.55 -23.71
N VAL A 195 -1.86 2.33 -24.77
CA VAL A 195 -0.72 3.09 -25.19
C VAL A 195 -0.18 4.22 -24.34
N ASN A 196 -1.08 5.03 -23.79
CA ASN A 196 -0.62 6.18 -23.05
C ASN A 196 -1.07 6.14 -21.62
N ILE A 197 -0.12 6.29 -20.72
CA ILE A 197 -0.43 6.19 -19.33
C ILE A 197 -1.21 7.34 -18.72
N VAL A 198 -0.86 8.54 -19.11
CA VAL A 198 -1.45 9.72 -18.51
C VAL A 198 -2.93 9.74 -18.65
N ASP A 199 -3.42 9.33 -19.79
CA ASP A 199 -4.83 9.41 -20.02
C ASP A 199 -5.48 8.52 -19.02
N ASP A 200 -4.90 7.36 -18.77
CA ASP A 200 -5.51 6.45 -17.84
C ASP A 200 -5.59 7.01 -16.43
N LEU A 201 -4.55 7.68 -15.99
CA LEU A 201 -4.57 8.27 -14.68
C LEU A 201 -5.57 9.39 -14.60
N LYS A 202 -5.62 10.21 -15.63
CA LYS A 202 -6.50 11.32 -15.54
C LYS A 202 -7.89 10.80 -15.37
N TYR A 203 -8.21 9.74 -16.09
CA TYR A 203 -9.54 9.24 -15.94
C TYR A 203 -9.80 8.73 -14.55
N CYS A 204 -8.82 8.04 -13.97
CA CYS A 204 -9.04 7.52 -12.65
C CYS A 204 -9.25 8.59 -11.63
N ILE A 205 -8.47 9.63 -11.77
CA ILE A 205 -8.55 10.73 -10.87
C ILE A 205 -9.88 11.42 -10.95
N ASN A 206 -10.38 11.56 -12.15
CA ASN A 206 -11.65 12.20 -12.34
C ASN A 206 -12.80 11.44 -11.75
N LYS A 207 -12.70 10.13 -11.74
CA LYS A 207 -13.77 9.30 -11.22
C LYS A 207 -13.70 9.10 -9.70
N ILE A 208 -12.51 8.82 -9.18
CA ILE A 208 -12.33 8.34 -7.81
C ILE A 208 -11.66 9.32 -6.83
N GLY A 209 -11.04 10.38 -7.35
CA GLY A 209 -10.28 11.34 -6.53
C GLY A 209 -11.04 11.95 -5.36
N ARG A 210 -12.34 12.17 -5.57
CA ARG A 210 -13.21 12.79 -4.58
C ARG A 210 -13.32 11.97 -3.29
N TYR A 211 -13.01 10.68 -3.40
CA TYR A 211 -13.26 9.71 -2.36
C TYR A 211 -11.98 9.16 -1.76
N ALA A 212 -10.86 9.72 -2.20
CA ALA A 212 -9.53 9.26 -1.80
C ALA A 212 -8.81 10.26 -0.90
N ASP A 213 -8.10 9.73 0.10
CA ASP A 213 -7.25 10.54 0.99
C ASP A 213 -5.88 10.74 0.37
N TYR A 214 -5.45 9.75 -0.41
CA TYR A 214 -4.27 9.88 -1.25
C TYR A 214 -4.36 9.00 -2.49
N ILE A 215 -3.56 9.35 -3.48
CA ILE A 215 -3.48 8.64 -4.75
C ILE A 215 -2.06 8.09 -4.89
N ALA A 216 -1.96 6.83 -5.29
CA ALA A 216 -0.67 6.20 -5.51
C ALA A 216 -0.44 5.91 -6.99
N ILE A 217 0.58 6.52 -7.54
CA ILE A 217 0.82 6.31 -8.92
C ILE A 217 1.74 5.17 -8.96
N ASN A 218 1.37 4.03 -9.53
CA ASN A 218 2.49 3.15 -9.64
C ASN A 218 2.84 2.84 -11.07
N VAL A 219 4.12 3.02 -11.30
CA VAL A 219 4.80 2.68 -12.50
C VAL A 219 5.81 1.61 -12.14
N SER A 220 5.61 0.95 -11.00
CA SER A 220 6.57 -0.03 -10.51
C SER A 220 6.26 -1.52 -10.69
N SER A 221 5.04 -1.88 -11.03
CA SER A 221 4.81 -3.29 -11.28
C SER A 221 5.51 -3.97 -12.41
N PRO A 222 5.93 -5.17 -12.09
CA PRO A 222 6.25 -6.33 -12.88
C PRO A 222 4.96 -6.86 -13.43
N ASN A 223 4.93 -7.46 -14.59
CA ASN A 223 3.64 -7.96 -15.00
C ASN A 223 2.80 -7.03 -15.83
N THR A 224 3.29 -5.84 -16.11
CA THR A 224 2.81 -5.01 -17.21
C THR A 224 3.99 -4.49 -18.01
N PRO A 225 3.88 -4.61 -19.32
CA PRO A 225 4.97 -4.32 -20.23
C PRO A 225 5.42 -2.89 -20.22
N GLY A 226 6.72 -2.65 -20.35
CA GLY A 226 7.70 -3.72 -20.31
C GLY A 226 8.81 -3.40 -19.34
N LEU A 227 9.26 -4.26 -18.45
CA LEU A 227 8.65 -5.15 -17.53
C LEU A 227 7.90 -4.17 -16.63
N ARG A 228 8.55 -3.02 -16.42
CA ARG A 228 8.09 -1.94 -15.54
C ARG A 228 7.68 -0.71 -16.33
N ASP A 229 6.46 -0.28 -16.14
CA ASP A 229 5.93 0.77 -16.97
C ASP A 229 6.88 1.84 -16.63
N ASN A 230 7.29 2.64 -17.59
CA ASN A 230 8.41 3.53 -17.36
C ASN A 230 8.31 4.64 -16.34
N GLN A 231 9.42 4.80 -15.66
CA GLN A 231 9.62 5.78 -14.65
C GLN A 231 10.91 6.38 -15.13
N GLU A 232 10.80 7.07 -16.26
CA GLU A 232 11.90 7.70 -16.92
C GLU A 232 11.67 9.11 -16.47
N ALA A 233 12.70 9.73 -15.95
CA ALA A 233 12.55 10.87 -15.11
C ALA A 233 11.79 11.86 -15.91
N GLY A 234 12.10 11.97 -17.17
CA GLY A 234 11.29 12.84 -17.95
C GLY A 234 9.89 12.31 -18.00
N LYS A 235 9.74 11.01 -18.17
CA LYS A 235 8.42 10.45 -18.17
C LYS A 235 7.67 10.60 -16.87
N LEU A 236 8.39 10.36 -15.80
CA LEU A 236 7.79 10.40 -14.50
C LEU A 236 7.43 11.81 -14.19
N LYS A 237 8.37 12.69 -14.44
CA LYS A 237 8.14 14.12 -14.20
C LYS A 237 6.84 14.58 -14.86
N ASN A 238 6.66 14.18 -16.12
CA ASN A 238 5.45 14.48 -16.87
C ASN A 238 4.22 13.85 -16.24
N ILE A 239 4.40 12.63 -15.73
CA ILE A 239 3.30 11.90 -15.10
C ILE A 239 2.84 12.57 -13.80
N ILE A 240 3.80 12.88 -12.91
CA ILE A 240 3.48 13.50 -11.61
C ILE A 240 2.74 14.82 -11.76
N LEU A 241 3.18 15.66 -12.71
CA LEU A 241 2.58 16.97 -12.93
C LEU A 241 1.15 16.87 -13.43
N SER A 242 0.88 15.91 -14.30
CA SER A 242 -0.46 15.67 -14.82
C SER A 242 -1.43 15.27 -13.72
N VAL A 243 -0.94 14.45 -12.78
CA VAL A 243 -1.73 13.97 -11.65
C VAL A 243 -2.12 15.12 -10.72
N LYS A 244 -1.16 15.93 -10.34
CA LYS A 244 -1.49 17.03 -9.48
C LYS A 244 -2.46 17.90 -10.23
N GLU A 245 -2.25 18.07 -11.52
CA GLU A 245 -3.13 18.95 -12.23
C GLU A 245 -4.54 18.48 -12.23
N GLU A 246 -4.75 17.20 -12.42
CA GLU A 246 -6.11 16.71 -12.45
C GLU A 246 -6.81 16.93 -11.15
N ILE A 247 -6.09 16.70 -10.08
CA ILE A 247 -6.63 16.84 -8.76
C ILE A 247 -7.03 18.27 -8.52
N ASP A 248 -6.19 19.19 -8.97
CA ASP A 248 -6.45 20.61 -8.79
C ASP A 248 -7.71 21.01 -9.51
N ASN A 249 -7.90 20.46 -10.68
CA ASN A 249 -9.04 20.78 -11.50
C ASN A 249 -10.30 20.38 -10.80
N LEU A 250 -10.29 19.25 -10.13
CA LEU A 250 -11.50 18.86 -9.47
C LEU A 250 -11.78 19.91 -8.46
N GLU A 251 -10.79 20.40 -7.76
CA GLU A 251 -11.13 21.39 -6.79
C GLU A 251 -11.72 22.61 -7.45
N LYS A 252 -11.13 23.04 -8.56
CA LYS A 252 -11.67 24.19 -9.27
C LYS A 252 -13.04 24.05 -9.85
N ASN A 253 -13.27 22.90 -10.44
CA ASN A 253 -14.51 22.65 -11.13
C ASN A 253 -15.75 22.64 -10.30
N ASN A 254 -15.64 22.06 -9.12
CA ASN A 254 -16.77 21.90 -8.25
C ASN A 254 -17.16 23.16 -7.52
N ILE A 255 -18.46 23.41 -7.46
CA ILE A 255 -19.01 24.58 -6.77
C ILE A 255 -19.13 24.42 -5.25
N MET A 256 -18.96 23.19 -4.75
CA MET A 256 -19.17 22.91 -3.33
C MET A 256 -17.97 23.29 -2.46
N ASN A 257 -18.26 23.58 -1.20
CA ASN A 257 -17.21 23.69 -0.19
C ASN A 257 -16.59 22.32 0.07
N ASP A 258 -15.36 22.35 0.53
CA ASP A 258 -14.59 21.16 0.70
C ASP A 258 -15.26 20.11 1.54
N GLU A 259 -16.03 20.52 2.52
CA GLU A 259 -16.67 19.54 3.34
C GLU A 259 -17.61 18.68 2.52
N PHE A 260 -18.00 19.13 1.33
CA PHE A 260 -18.92 18.33 0.53
C PHE A 260 -18.38 18.01 -0.81
N LEU A 261 -17.10 18.10 -0.98
CA LEU A 261 -16.58 17.79 -2.25
C LEU A 261 -15.69 16.60 -2.05
N TRP A 262 -14.89 16.69 -1.00
CA TRP A 262 -14.02 15.61 -0.58
C TRP A 262 -14.77 14.67 0.35
N PHE A 263 -15.45 13.69 -0.25
CA PHE A 263 -16.20 12.71 0.49
C PHE A 263 -15.22 11.61 0.95
N ASN A 264 -14.23 12.03 1.72
CA ASN A 264 -13.16 11.16 2.21
C ASN A 264 -12.95 11.34 3.72
N THR A 265 -11.75 11.05 4.21
CA THR A 265 -11.47 11.15 5.64
C THR A 265 -10.92 12.52 6.03
N THR A 266 -9.92 12.98 5.28
CA THR A 266 -9.23 14.25 5.55
C THR A 266 -10.05 15.50 5.22
N LYS A 267 -11.09 15.32 4.40
CA LYS A 267 -11.89 16.44 3.87
C LYS A 267 -11.09 17.44 3.02
N LYS A 268 -9.86 17.09 2.70
CA LYS A 268 -9.00 17.90 1.83
C LYS A 268 -8.73 17.11 0.56
N LYS A 269 -7.92 17.68 -0.33
CA LYS A 269 -7.59 17.02 -1.61
C LYS A 269 -6.64 15.83 -1.37
N PRO A 270 -6.79 14.76 -2.17
CA PRO A 270 -5.87 13.63 -2.05
C PRO A 270 -4.43 14.02 -2.31
N LEU A 271 -3.56 13.63 -1.38
CA LEU A 271 -2.12 13.73 -1.58
C LEU A 271 -1.68 12.83 -2.74
N VAL A 272 -0.46 13.03 -3.22
CA VAL A 272 0.05 12.29 -4.37
C VAL A 272 1.30 11.54 -3.98
N PHE A 273 1.22 10.21 -4.05
CA PHE A 273 2.39 9.36 -3.84
C PHE A 273 2.78 8.65 -5.13
N VAL A 274 4.02 8.20 -5.19
CA VAL A 274 4.49 7.37 -6.29
C VAL A 274 5.17 6.11 -5.72
N LYS A 275 4.82 4.95 -6.28
CA LYS A 275 5.43 3.70 -5.84
C LYS A 275 6.54 3.29 -6.80
N LEU A 276 7.72 3.02 -6.24
CA LEU A 276 8.90 2.71 -7.02
C LEU A 276 9.31 1.24 -6.91
N ALA A 277 9.82 0.70 -8.03
CA ALA A 277 10.38 -0.64 -8.07
C ALA A 277 11.80 -0.60 -7.52
N PRO A 278 12.26 -1.68 -6.86
CA PRO A 278 13.64 -1.66 -6.36
C PRO A 278 14.68 -2.08 -7.42
N ASP A 279 14.22 -2.44 -8.62
CA ASP A 279 15.10 -2.90 -9.68
C ASP A 279 15.61 -1.72 -10.52
N LEU A 280 16.41 -0.85 -9.89
CA LEU A 280 17.01 0.29 -10.57
C LEU A 280 18.45 0.45 -10.10
N ASN A 281 19.32 0.86 -11.02
CA ASN A 281 20.72 1.13 -10.66
C ASN A 281 20.83 2.51 -9.99
N GLN A 282 21.96 2.73 -9.32
CA GLN A 282 22.16 3.91 -8.47
C GLN A 282 21.93 5.25 -9.20
N GLU A 283 22.15 5.26 -10.51
CA GLU A 283 21.96 6.47 -11.31
C GLU A 283 20.48 6.76 -11.53
N GLN A 284 19.75 5.76 -12.00
CA GLN A 284 18.31 5.87 -12.18
C GLN A 284 17.66 6.40 -10.90
N LYS A 285 18.19 5.95 -9.76
CA LYS A 285 17.70 6.34 -8.44
C LYS A 285 17.93 7.83 -8.14
N LYS A 286 19.13 8.34 -8.44
CA LYS A 286 19.47 9.74 -8.23
C LYS A 286 18.61 10.65 -9.10
N GLU A 287 18.40 10.23 -10.34
CA GLU A 287 17.59 10.98 -11.32
C GLU A 287 16.13 11.12 -10.87
N ILE A 288 15.59 10.06 -10.28
CA ILE A 288 14.21 10.07 -9.77
C ILE A 288 14.07 11.03 -8.58
N ALA A 289 15.03 10.99 -7.66
CA ALA A 289 15.06 11.90 -6.52
C ALA A 289 14.87 13.38 -6.91
N ASP A 290 15.63 13.82 -7.91
CA ASP A 290 15.52 15.17 -8.48
C ASP A 290 14.07 15.48 -8.86
N VAL A 291 13.49 14.58 -9.66
CA VAL A 291 12.12 14.72 -10.16
C VAL A 291 11.11 14.91 -9.03
N LEU A 292 11.24 14.12 -7.97
CA LEU A 292 10.34 14.21 -6.82
C LEU A 292 10.49 15.56 -6.11
N LEU A 293 11.73 16.04 -6.02
CA LEU A 293 12.01 17.36 -5.47
C LEU A 293 11.48 18.45 -6.38
N GLU A 294 11.72 18.31 -7.68
CA GLU A 294 11.24 19.25 -8.72
C GLU A 294 9.72 19.42 -8.72
N THR A 295 9.00 18.31 -8.55
CA THR A 295 7.53 18.32 -8.62
C THR A 295 6.88 18.48 -7.25
N ASN A 296 7.69 18.43 -6.20
CA ASN A 296 7.21 18.53 -4.82
C ASN A 296 6.15 17.46 -4.49
N ILE A 297 6.46 16.21 -4.83
CA ILE A 297 5.55 15.09 -4.60
C ILE A 297 5.33 14.88 -3.11
N ASP A 298 4.09 14.58 -2.73
CA ASP A 298 3.70 14.48 -1.33
C ASP A 298 4.41 13.36 -0.56
N GLY A 299 4.70 12.25 -1.25
CA GLY A 299 5.44 11.14 -0.66
C GLY A 299 5.82 10.04 -1.66
N MET A 300 6.69 9.14 -1.22
CA MET A 300 7.10 7.99 -2.04
C MET A 300 6.92 6.66 -1.31
N ILE A 301 6.37 5.68 -2.02
CA ILE A 301 6.18 4.33 -1.47
C ILE A 301 7.35 3.44 -1.91
N ILE A 302 8.15 3.01 -0.95
CA ILE A 302 9.33 2.21 -1.21
C ILE A 302 9.21 0.89 -0.45
N SER A 303 9.08 -0.24 -1.15
CA SER A 303 9.08 -0.32 -2.62
C SER A 303 8.10 -1.39 -3.10
N ASN A 304 8.02 -1.57 -4.42
CA ASN A 304 7.21 -2.63 -5.01
C ASN A 304 7.96 -3.97 -4.98
N THR A 305 7.46 -4.96 -5.70
CA THR A 305 8.09 -6.29 -5.75
C THR A 305 9.33 -6.29 -6.65
N THR A 306 10.23 -7.24 -6.41
CA THR A 306 11.47 -7.37 -7.19
C THR A 306 11.54 -8.64 -8.04
N THR A 307 12.29 -8.56 -9.13
CA THR A 307 12.47 -9.69 -10.05
C THR A 307 13.92 -10.21 -9.97
N GLN A 308 14.66 -9.74 -8.97
CA GLN A 308 16.10 -9.98 -8.86
C GLN A 308 16.46 -11.06 -7.85
N ILE A 309 15.48 -11.89 -7.47
CA ILE A 309 15.74 -12.97 -6.50
C ILE A 309 15.52 -14.35 -7.11
N ASN A 310 16.53 -15.21 -6.97
CA ASN A 310 16.52 -16.57 -7.56
C ASN A 310 16.64 -17.69 -6.53
N ASP A 311 17.03 -17.34 -5.30
CA ASP A 311 17.31 -18.31 -4.24
C ASP A 311 16.13 -19.22 -3.90
N ILE A 312 14.91 -18.82 -4.27
CA ILE A 312 13.72 -19.61 -3.95
C ILE A 312 13.54 -20.76 -4.92
N LYS A 313 13.75 -21.98 -4.43
CA LYS A 313 13.69 -23.16 -5.26
C LYS A 313 12.29 -23.36 -5.85
N SER A 314 11.25 -23.16 -5.04
CA SER A 314 9.89 -23.34 -5.53
C SER A 314 9.56 -22.39 -6.68
N PHE A 315 10.25 -21.26 -6.71
CA PHE A 315 9.94 -20.16 -7.61
C PHE A 315 10.72 -20.21 -8.93
N GLU A 316 11.58 -21.23 -9.08
CA GLU A 316 12.50 -21.30 -10.22
C GLU A 316 11.83 -21.29 -11.60
N ASN A 317 10.69 -21.96 -11.72
CA ASN A 317 9.93 -21.98 -12.97
C ASN A 317 8.91 -20.84 -13.08
N LYS A 318 8.93 -19.92 -12.11
CA LYS A 318 7.88 -18.91 -11.96
C LYS A 318 8.21 -17.52 -12.53
N LYS A 319 7.16 -16.77 -12.84
CA LYS A 319 7.26 -15.47 -13.49
C LYS A 319 6.60 -14.38 -12.64
N GLY A 320 7.27 -13.24 -12.51
CA GLY A 320 6.71 -12.09 -11.79
C GLY A 320 7.61 -11.49 -10.72
N GLY A 321 7.00 -10.76 -9.79
CA GLY A 321 7.74 -10.08 -8.72
C GLY A 321 7.60 -10.76 -7.37
N VAL A 322 8.67 -10.69 -6.56
CA VAL A 322 8.74 -11.41 -5.29
C VAL A 322 8.47 -10.50 -4.09
N SER A 323 7.70 -11.03 -3.14
CA SER A 323 7.35 -10.34 -1.90
C SER A 323 7.84 -11.12 -0.68
N GLY A 324 7.81 -10.48 0.48
CA GLY A 324 8.10 -11.16 1.74
C GLY A 324 9.48 -10.90 2.28
N ALA A 325 9.90 -11.79 3.19
CA ALA A 325 11.16 -11.64 3.93
C ALA A 325 12.38 -11.44 3.05
N LYS A 326 12.40 -12.04 1.86
CA LYS A 326 13.53 -11.92 0.93
C LYS A 326 13.66 -10.52 0.33
N LEU A 327 12.57 -9.76 0.38
CA LEU A 327 12.55 -8.37 -0.09
C LEU A 327 12.99 -7.38 0.99
N LYS A 328 12.94 -7.83 2.26
CA LYS A 328 13.13 -6.95 3.42
C LYS A 328 14.42 -6.12 3.39
N ASP A 329 15.56 -6.78 3.20
CA ASP A 329 16.86 -6.10 3.23
C ASP A 329 17.07 -5.22 2.00
N ILE A 330 16.62 -5.70 0.85
CA ILE A 330 16.67 -4.94 -0.40
C ILE A 330 15.89 -3.63 -0.26
N SER A 331 14.65 -3.72 0.19
CA SER A 331 13.74 -2.58 0.27
C SER A 331 14.18 -1.56 1.34
N THR A 332 14.74 -2.06 2.45
CA THR A 332 15.29 -1.18 3.49
C THR A 332 16.44 -0.33 2.94
N LYS A 333 17.38 -1.00 2.28
CA LYS A 333 18.51 -0.36 1.61
C LYS A 333 18.02 0.73 0.64
N PHE A 334 16.94 0.41 -0.07
CA PHE A 334 16.33 1.34 -1.01
C PHE A 334 15.72 2.56 -0.31
N ILE A 335 15.16 2.35 0.88
CA ILE A 335 14.59 3.45 1.69
C ILE A 335 15.69 4.44 2.06
N CYS A 336 16.82 3.91 2.53
CA CYS A 336 17.99 4.70 2.91
C CYS A 336 18.50 5.61 1.80
N GLU A 337 18.72 5.01 0.63
CA GLU A 337 19.23 5.72 -0.55
C GLU A 337 18.33 6.91 -0.93
N MET A 338 17.04 6.64 -1.16
CA MET A 338 16.08 7.68 -1.55
C MET A 338 15.87 8.74 -0.47
N TYR A 339 16.04 8.35 0.79
CA TYR A 339 15.99 9.28 1.90
C TYR A 339 17.15 10.27 1.81
N ASN A 340 18.33 9.75 1.46
CA ASN A 340 19.52 10.58 1.25
C ASN A 340 19.42 11.45 -0.01
N TYR A 341 19.08 10.82 -1.14
CA TYR A 341 18.97 11.52 -2.42
C TYR A 341 17.92 12.64 -2.46
N THR A 342 16.86 12.51 -1.64
CA THR A 342 15.81 13.55 -1.58
C THR A 342 16.03 14.54 -0.42
N ASN A 343 17.14 14.38 0.24
CA ASN A 343 17.57 15.31 1.27
C ASN A 343 16.65 15.32 2.45
N LYS A 344 15.86 14.28 2.55
CA LYS A 344 15.03 14.05 3.70
C LYS A 344 13.82 14.92 3.54
N GLN A 345 13.75 15.58 2.41
CA GLN A 345 12.63 16.42 2.10
C GLN A 345 11.32 15.67 1.97
N ILE A 346 11.38 14.50 1.38
CA ILE A 346 10.20 13.77 0.96
C ILE A 346 9.87 12.56 1.80
N PRO A 347 8.63 12.49 2.26
CA PRO A 347 8.14 11.43 3.13
C PRO A 347 8.09 10.06 2.50
N ILE A 348 8.37 9.06 3.29
CA ILE A 348 8.48 7.71 2.82
C ILE A 348 7.49 6.72 3.41
N ILE A 349 6.88 5.93 2.56
CA ILE A 349 6.03 4.85 3.00
C ILE A 349 6.78 3.56 2.75
N ALA A 350 6.93 2.73 3.77
CA ALA A 350 7.72 1.49 3.69
C ALA A 350 6.91 0.26 3.26
N SER A 351 7.49 -0.54 2.38
CA SER A 351 6.97 -1.82 1.99
C SER A 351 8.15 -2.48 1.35
N GLY A 352 8.44 -3.75 1.53
CA GLY A 352 7.68 -4.76 2.22
C GLY A 352 8.71 -5.70 2.84
N GLY A 353 8.27 -6.81 3.37
CA GLY A 353 9.19 -7.68 4.05
C GLY A 353 9.13 -7.46 5.53
N ILE A 354 8.09 -6.77 6.00
CA ILE A 354 8.05 -6.42 7.39
C ILE A 354 7.12 -7.38 8.06
N PHE A 355 7.61 -8.08 9.07
CA PHE A 355 6.78 -9.02 9.80
C PHE A 355 6.75 -8.74 11.28
N SER A 356 7.79 -8.13 11.78
CA SER A 356 7.90 -7.90 13.23
C SER A 356 8.00 -6.43 13.57
N GLY A 357 7.89 -6.11 14.86
CA GLY A 357 8.14 -4.76 15.35
C GLY A 357 9.54 -4.32 15.01
N LEU A 358 10.48 -5.27 15.10
CA LEU A 358 11.87 -5.04 14.72
C LEU A 358 12.00 -4.63 13.26
N ASP A 359 11.38 -5.41 12.37
CA ASP A 359 11.36 -5.11 10.94
C ASP A 359 10.82 -3.72 10.68
N ALA A 360 9.77 -3.37 11.41
CA ALA A 360 9.13 -2.06 11.29
C ALA A 360 10.09 -0.93 11.71
N LEU A 361 10.75 -1.09 12.85
CA LEU A 361 11.69 -0.09 13.35
C LEU A 361 12.85 0.11 12.39
N GLU A 362 13.32 -0.99 11.80
CA GLU A 362 14.39 -0.94 10.82
C GLU A 362 13.99 -0.08 9.62
N LYS A 363 12.73 -0.18 9.21
CA LYS A 363 12.22 0.66 8.13
C LYS A 363 12.11 2.12 8.58
N ILE A 364 11.67 2.31 9.82
CA ILE A 364 11.46 3.66 10.37
C ILE A 364 12.78 4.43 10.55
N GLU A 365 13.78 3.77 11.12
CA GLU A 365 15.11 4.36 11.30
C GLU A 365 15.80 4.61 9.96
N ALA A 366 15.40 3.89 8.92
CA ALA A 366 15.93 4.10 7.57
C ALA A 366 15.37 5.36 6.93
N GLY A 367 14.21 5.80 7.41
CA GLY A 367 13.59 7.04 6.93
C GLY A 367 12.11 6.94 6.58
N ALA A 368 11.45 5.86 7.00
CA ALA A 368 10.04 5.65 6.70
C ALA A 368 9.13 6.21 7.79
N SER A 369 8.06 6.86 7.36
CA SER A 369 7.09 7.43 8.28
C SER A 369 6.03 6.39 8.66
N VAL A 370 5.52 5.68 7.65
CA VAL A 370 4.48 4.67 7.86
C VAL A 370 4.92 3.35 7.23
N CYS A 371 4.28 2.26 7.65
CA CYS A 371 4.58 0.94 7.12
C CYS A 371 3.36 0.30 6.49
N GLN A 372 3.56 -0.49 5.46
CA GLN A 372 2.48 -1.20 4.80
C GLN A 372 2.78 -2.68 4.86
N LEU A 373 1.80 -3.52 5.16
CA LEU A 373 2.08 -4.95 5.18
C LEU A 373 1.29 -5.69 4.13
N TYR A 374 1.92 -6.52 3.30
CA TYR A 374 1.13 -7.49 2.58
C TYR A 374 1.34 -8.96 2.96
N SER A 375 2.57 -9.38 2.87
CA SER A 375 2.99 -10.75 3.12
C SER A 375 2.77 -11.25 4.53
N CYS A 376 2.89 -10.36 5.48
CA CYS A 376 2.72 -10.70 6.85
C CYS A 376 1.33 -11.20 7.05
N LEU A 377 0.38 -10.57 6.39
CA LEU A 377 -0.99 -11.00 6.49
C LEU A 377 -1.14 -12.39 5.94
N VAL A 378 -0.46 -12.72 4.87
CA VAL A 378 -0.67 -14.05 4.40
C VAL A 378 -0.08 -15.12 5.29
N PHE A 379 1.13 -14.89 5.74
CA PHE A 379 1.84 -15.66 6.75
C PHE A 379 1.41 -15.77 8.19
N ASN A 380 0.98 -14.66 8.76
CA ASN A 380 0.68 -14.57 10.17
C ASN A 380 -0.76 -14.37 10.49
N GLY A 381 -1.52 -14.04 9.47
CA GLY A 381 -2.99 -14.00 9.58
C GLY A 381 -3.59 -12.79 10.29
N MET A 382 -4.85 -12.96 10.71
CA MET A 382 -5.69 -11.93 11.33
C MET A 382 -5.04 -11.03 12.39
N LYS A 383 -3.99 -11.53 13.02
CA LYS A 383 -3.40 -10.92 14.22
C LYS A 383 -2.24 -9.97 13.92
N SER A 384 -1.80 -9.92 12.66
CA SER A 384 -0.58 -9.19 12.30
C SER A 384 -0.53 -7.75 12.81
N ALA A 385 -1.62 -7.00 12.60
CA ALA A 385 -1.69 -5.60 13.01
C ALA A 385 -1.59 -5.46 14.52
N VAL A 386 -2.38 -6.26 15.25
CA VAL A 386 -2.37 -6.25 16.71
C VAL A 386 -0.97 -6.57 17.26
N GLN A 387 -0.40 -7.66 16.76
CA GLN A 387 0.90 -8.12 17.20
C GLN A 387 1.99 -7.11 16.87
N ILE A 388 2.05 -6.65 15.62
CA ILE A 388 3.11 -5.74 15.19
C ILE A 388 3.09 -4.40 15.94
N LYS A 389 1.89 -3.92 16.29
CA LYS A 389 1.74 -2.66 17.03
C LYS A 389 2.28 -2.79 18.44
N ARG A 390 1.93 -3.89 19.10
CA ARG A 390 2.49 -4.19 20.42
C ARG A 390 4.01 -4.31 20.34
N GLU A 391 4.48 -5.18 19.45
CA GLU A 391 5.91 -5.37 19.22
C GLU A 391 6.65 -4.04 19.01
N LEU A 392 6.09 -3.15 18.20
CA LEU A 392 6.72 -1.84 17.96
C LEU A 392 6.68 -0.94 19.19
N ASN A 393 5.55 -0.95 19.91
CA ASN A 393 5.41 -0.14 21.13
C ASN A 393 6.46 -0.50 22.18
N HIS A 394 6.62 -1.80 22.43
CA HIS A 394 7.63 -2.32 23.36
C HIS A 394 9.03 -1.94 22.91
N LEU A 395 9.30 -2.12 21.62
CA LEU A 395 10.61 -1.81 21.05
C LEU A 395 10.96 -0.32 21.12
N LEU A 396 9.96 0.54 20.94
CA LEU A 396 10.16 1.99 21.01
C LEU A 396 10.56 2.43 22.42
N TYR A 397 9.97 1.78 23.42
CA TYR A 397 10.25 2.07 24.82
C TYR A 397 11.65 1.61 25.21
N GLN A 398 12.00 0.38 24.79
CA GLN A 398 13.28 -0.24 25.12
C GLN A 398 14.48 0.38 24.39
N ARG A 399 14.21 1.25 23.41
CA ARG A 399 15.27 1.99 22.72
C ARG A 399 15.33 3.44 23.19
N GLY A 400 14.47 3.78 24.16
CA GLY A 400 14.48 5.10 24.77
C GLY A 400 13.85 6.23 23.98
N TYR A 401 13.21 5.91 22.85
CA TYR A 401 12.46 6.90 22.06
C TYR A 401 11.18 7.32 22.76
N TYR A 402 10.89 8.62 22.77
CA TYR A 402 9.69 9.17 23.41
C TYR A 402 8.42 8.91 22.59
N ASN A 403 8.49 9.22 21.30
CA ASN A 403 7.42 8.86 20.36
C ASN A 403 7.99 8.33 19.04
N LEU A 404 7.11 7.88 18.15
CA LEU A 404 7.50 7.33 16.86
C LEU A 404 8.19 8.36 15.97
N LYS A 405 7.67 9.59 15.97
CA LYS A 405 8.19 10.65 15.11
C LYS A 405 9.65 11.01 15.39
N GLU A 406 10.14 10.63 16.56
CA GLU A 406 11.53 10.85 16.96
C GLU A 406 12.50 9.86 16.29
N ALA A 407 11.99 8.71 15.85
CA ALA A 407 12.82 7.63 15.31
C ALA A 407 12.97 7.67 13.78
N ILE A 408 12.15 8.49 13.12
CA ILE A 408 12.15 8.58 11.65
C ILE A 408 13.50 9.09 11.12
N GLY A 409 14.21 8.23 10.41
CA GLY A 409 15.50 8.57 9.83
C GLY A 409 16.65 8.60 10.81
N ARG A 410 16.50 7.90 11.94
CA ARG A 410 17.55 7.86 12.96
C ARG A 410 18.53 6.70 12.74
N LYS A 411 19.23 6.78 11.61
CA LYS A 411 20.36 5.91 11.30
C LYS A 411 21.44 6.79 10.66
N HIS A 412 21.27 8.10 10.85
CA HIS A 412 22.12 9.12 10.22
C HIS A 412 22.75 10.00 11.28
#